data_1LZS
#
_entry.id   1LZS
#
_cell.length_a   46.990
_cell.length_b   162.250
_cell.length_c   32.520
_cell.angle_alpha   90.00
_cell.angle_beta   90.00
_cell.angle_gamma   90.00
#
_symmetry.space_group_name_H-M   'P 21 21 21'
#
loop_
_entity.id
_entity.type
_entity.pdbx_description
1 polymer 'HUMAN LYSOZYME'
2 branched 2-acetamido-2-deoxy-beta-D-glucopyranose-(1-4)-2-acetamido-2-deoxy-beta-D-glucopyranose-(1-4)-2-acetamido-2-deoxy-beta-D-glucopyranose-(1-4)-2-acetamido-2-deoxy-beta-D-glucopyranose
3 branched 2-acetamido-2-deoxy-beta-D-glucopyranose-(1-4)-2-acetamido-2-deoxy-beta-D-glucopyranose
4 non-polymer 'SODIUM ION'
5 water water
#
_entity_poly.entity_id   1
_entity_poly.type   'polypeptide(L)'
_entity_poly.pdbx_seq_one_letter_code
;KVFERCELARTLKRLGMDGYRGISLANWMCLAKWESGYNTRATNYNAGDRSTDYGIFQINSRYWCNDGKTPGAVNACHLS
CSALLQDNIADAVACAKRVVRDPQGIRAWVAWRNRCQNRDVRQYVQGCGV
;
_entity_poly.pdbx_strand_id   A,B
#
loop_
_chem_comp.id
_chem_comp.type
_chem_comp.name
_chem_comp.formula
NA non-polymer 'SODIUM ION' 'Na 1'
NAG D-saccharide, beta linking 2-acetamido-2-deoxy-beta-D-glucopyranose 'C8 H15 N O6'
#
# COMPACT_ATOMS: atom_id res chain seq x y z
N LYS A 1 -15.94 -1.65 24.89
CA LYS A 1 -16.09 -0.22 24.69
C LYS A 1 -15.98 0.07 23.20
N VAL A 2 -16.82 0.98 22.73
CA VAL A 2 -16.78 1.37 21.31
C VAL A 2 -16.18 2.77 21.27
N PHE A 3 -14.95 2.84 20.80
CA PHE A 3 -14.26 4.12 20.71
C PHE A 3 -14.89 4.99 19.60
N GLU A 4 -14.77 6.27 19.85
CA GLU A 4 -15.22 7.26 18.84
C GLU A 4 -13.97 7.41 17.98
N ARG A 5 -14.09 7.63 16.71
CA ARG A 5 -12.93 7.77 15.83
C ARG A 5 -11.78 8.61 16.34
N CYS A 6 -12.00 9.90 16.65
CA CYS A 6 -10.88 10.75 17.08
C CYS A 6 -10.28 10.41 18.43
N GLU A 7 -11.09 9.83 19.29
CA GLU A 7 -10.64 9.37 20.61
C GLU A 7 -9.58 8.28 20.43
N LEU A 8 -9.90 7.37 19.51
CA LEU A 8 -8.93 6.27 19.23
C LEU A 8 -7.67 6.82 18.56
N ALA A 9 -7.84 7.68 17.56
CA ALA A 9 -6.71 8.28 16.86
C ALA A 9 -5.72 8.98 17.79
N ARG A 10 -6.23 9.68 18.76
CA ARG A 10 -5.45 10.38 19.79
C ARG A 10 -4.65 9.40 20.63
N THR A 11 -5.33 8.33 21.02
CA THR A 11 -4.78 7.26 21.83
C THR A 11 -3.63 6.56 21.12
N LEU A 12 -3.89 6.12 19.89
CA LEU A 12 -2.89 5.45 19.07
C LEU A 12 -1.69 6.38 18.86
N LYS A 13 -1.97 7.66 18.67
CA LYS A 13 -0.86 8.62 18.43
C LYS A 13 0.07 8.65 19.65
N ARG A 14 -0.55 8.83 20.79
CA ARG A 14 0.09 8.87 22.09
C ARG A 14 0.94 7.62 22.32
N LEU A 15 0.45 6.47 21.92
CA LEU A 15 1.14 5.19 22.13
C LEU A 15 2.14 4.85 21.05
N GLY A 16 2.50 5.85 20.26
CA GLY A 16 3.44 5.84 19.19
C GLY A 16 3.22 4.93 18.01
N MET A 17 1.96 4.81 17.59
CA MET A 17 1.67 3.94 16.42
C MET A 17 1.86 4.69 15.11
N ASP A 18 1.89 6.01 15.17
CA ASP A 18 2.01 6.80 13.92
C ASP A 18 3.40 6.61 13.32
N GLY A 19 3.48 5.92 12.20
CA GLY A 19 4.75 5.64 11.54
C GLY A 19 5.45 4.38 12.01
N TYR A 20 4.83 3.65 12.95
CA TYR A 20 5.41 2.42 13.49
C TYR A 20 5.64 1.40 12.36
N ARG A 21 6.90 1.02 12.19
CA ARG A 21 7.25 0.04 11.14
C ARG A 21 6.84 0.60 9.76
N GLY A 22 6.77 1.91 9.70
CA GLY A 22 6.43 2.71 8.54
C GLY A 22 4.94 2.80 8.26
N ILE A 23 4.11 2.31 9.19
CA ILE A 23 2.65 2.36 8.98
C ILE A 23 2.07 3.64 9.55
N SER A 24 1.41 4.40 8.70
CA SER A 24 0.75 5.65 9.05
C SER A 24 -0.42 5.46 10.02
N LEU A 25 -0.71 6.49 10.80
CA LEU A 25 -1.85 6.39 11.74
C LEU A 25 -3.13 6.13 10.98
N ALA A 26 -3.25 6.76 9.78
CA ALA A 26 -4.48 6.53 8.97
C ALA A 26 -4.67 5.06 8.65
N ASN A 27 -3.57 4.36 8.34
CA ASN A 27 -3.67 2.92 8.04
C ASN A 27 -4.15 2.12 9.26
N TRP A 28 -3.58 2.41 10.40
CA TRP A 28 -3.93 1.75 11.67
C TRP A 28 -5.41 1.98 12.01
N MET A 29 -5.87 3.21 11.75
CA MET A 29 -7.27 3.56 12.02
C MET A 29 -8.18 2.80 11.06
N CYS A 30 -7.79 2.75 9.79
CA CYS A 30 -8.60 2.01 8.79
C CYS A 30 -8.80 0.54 9.20
N LEU A 31 -7.68 -0.03 9.59
CA LEU A 31 -7.55 -1.42 10.07
C LEU A 31 -8.49 -1.62 11.26
N ALA A 32 -8.40 -0.71 12.24
CA ALA A 32 -9.26 -0.89 13.42
C ALA A 32 -10.73 -0.78 13.05
N LYS A 33 -11.07 0.16 12.18
CA LYS A 33 -12.50 0.32 11.78
C LYS A 33 -13.04 -0.93 11.14
N TRP A 34 -12.34 -1.51 10.16
CA TRP A 34 -12.85 -2.72 9.47
C TRP A 34 -12.66 -4.02 10.23
N GLU A 35 -11.63 -4.12 11.07
CA GLU A 35 -11.50 -5.35 11.85
C GLU A 35 -12.56 -5.46 12.94
N SER A 36 -12.78 -4.37 13.69
CA SER A 36 -13.74 -4.45 14.82
C SER A 36 -14.76 -3.33 14.97
N GLY A 37 -14.73 -2.36 14.12
CA GLY A 37 -15.66 -1.19 14.26
C GLY A 37 -15.29 -0.43 15.53
N TYR A 38 -14.01 -0.38 15.81
CA TYR A 38 -13.40 0.28 16.97
C TYR A 38 -13.96 -0.26 18.29
N ASN A 39 -14.26 -1.55 18.34
CA ASN A 39 -14.83 -2.22 19.49
C ASN A 39 -13.84 -3.13 20.24
N THR A 40 -13.59 -2.79 21.50
CA THR A 40 -12.67 -3.63 22.31
C THR A 40 -13.21 -4.97 22.70
N ARG A 41 -14.51 -5.14 22.59
CA ARG A 41 -15.16 -6.42 22.98
C ARG A 41 -15.38 -7.39 21.84
N ALA A 42 -15.07 -6.96 20.66
CA ALA A 42 -15.22 -7.78 19.44
C ALA A 42 -14.45 -9.08 19.57
N THR A 43 -15.13 -10.16 19.19
CA THR A 43 -14.54 -11.50 19.14
C THR A 43 -15.14 -12.14 17.88
N ASN A 44 -14.30 -12.97 17.28
CA ASN A 44 -14.68 -13.69 16.06
C ASN A 44 -14.15 -15.12 16.22
N TYR A 45 -15.09 -16.06 16.26
CA TYR A 45 -14.69 -17.47 16.38
C TYR A 45 -14.48 -18.01 14.97
N ASN A 46 -13.40 -18.72 14.77
CA ASN A 46 -13.08 -19.32 13.44
C ASN A 46 -13.39 -20.82 13.63
N ALA A 47 -14.61 -21.23 13.35
CA ALA A 47 -15.03 -22.62 13.53
C ALA A 47 -14.16 -23.63 12.80
N GLY A 48 -13.55 -23.22 11.72
CA GLY A 48 -12.66 -24.08 10.91
C GLY A 48 -11.21 -23.81 11.29
N ASP A 49 -10.88 -24.07 12.53
CA ASP A 49 -9.55 -23.92 13.13
C ASP A 49 -9.64 -23.77 14.64
N ARG A 50 -10.80 -23.46 15.22
CA ARG A 50 -10.93 -23.36 16.66
C ARG A 50 -10.08 -22.28 17.29
N SER A 51 -9.79 -21.23 16.51
CA SER A 51 -9.01 -20.08 16.98
C SER A 51 -10.05 -18.93 17.09
N THR A 52 -9.67 -17.89 17.78
CA THR A 52 -10.48 -16.71 18.05
C THR A 52 -9.64 -15.43 17.91
N ASP A 53 -10.31 -14.46 17.31
CA ASP A 53 -9.71 -13.13 17.06
C ASP A 53 -10.24 -12.22 18.17
N TYR A 54 -9.34 -11.53 18.85
CA TYR A 54 -9.86 -10.69 19.95
C TYR A 54 -9.59 -9.21 19.94
N GLY A 55 -10.60 -8.47 20.39
CA GLY A 55 -10.46 -7.04 20.56
C GLY A 55 -10.42 -6.17 19.34
N ILE A 56 -10.05 -4.92 19.61
CA ILE A 56 -10.01 -3.84 18.61
C ILE A 56 -9.21 -4.14 17.35
N PHE A 57 -8.13 -4.91 17.53
CA PHE A 57 -7.27 -5.24 16.36
C PHE A 57 -7.50 -6.68 15.87
N GLN A 58 -8.42 -7.37 16.52
CA GLN A 58 -8.77 -8.78 16.17
C GLN A 58 -7.54 -9.68 16.06
N ILE A 59 -6.79 -9.69 17.14
CA ILE A 59 -5.52 -10.50 17.23
C ILE A 59 -5.92 -11.95 17.39
N ASN A 60 -5.33 -12.83 16.55
CA ASN A 60 -5.65 -14.25 16.53
C ASN A 60 -4.95 -15.11 17.58
N SER A 61 -5.75 -15.93 18.24
CA SER A 61 -5.22 -16.81 19.29
C SER A 61 -4.31 -17.91 18.75
N ARG A 62 -4.35 -18.29 17.49
CA ARG A 62 -3.40 -19.37 17.08
C ARG A 62 -1.97 -18.94 17.34
N TYR A 63 -1.61 -17.67 17.16
CA TYR A 63 -0.25 -17.19 17.35
C TYR A 63 0.19 -16.20 18.38
N TRP A 64 -0.71 -15.28 18.75
CA TRP A 64 -0.40 -14.15 19.57
C TRP A 64 -0.80 -14.03 21.00
N CYS A 65 -1.83 -14.74 21.43
CA CYS A 65 -2.19 -14.58 22.88
C CYS A 65 -2.60 -15.95 23.36
N ASN A 66 -2.63 -16.20 24.66
CA ASN A 66 -3.09 -17.53 25.11
C ASN A 66 -4.56 -17.44 25.55
N ASP A 67 -5.39 -18.29 24.94
CA ASP A 67 -6.82 -18.35 25.33
C ASP A 67 -7.05 -19.76 25.92
N GLY A 68 -6.02 -20.58 26.02
CA GLY A 68 -6.15 -21.93 26.59
C GLY A 68 -6.98 -22.92 25.82
N LYS A 69 -7.63 -22.56 24.72
CA LYS A 69 -8.47 -23.47 23.98
C LYS A 69 -8.28 -23.57 22.46
N THR A 70 -7.20 -23.10 21.97
CA THR A 70 -6.81 -23.12 20.54
C THR A 70 -5.72 -24.20 20.40
N PRO A 71 -6.11 -25.24 19.68
CA PRO A 71 -5.20 -26.39 19.47
C PRO A 71 -3.97 -25.97 18.69
N GLY A 72 -2.82 -26.34 19.21
CA GLY A 72 -1.51 -26.12 18.67
C GLY A 72 -1.06 -24.68 18.57
N ALA A 73 -1.72 -23.83 19.34
CA ALA A 73 -1.40 -22.38 19.34
C ALA A 73 -0.13 -22.05 20.11
N VAL A 74 0.41 -20.86 19.87
CA VAL A 74 1.58 -20.25 20.52
C VAL A 74 1.08 -18.91 21.10
N ASN A 75 1.91 -18.20 21.81
CA ASN A 75 1.59 -16.94 22.52
C ASN A 75 2.78 -15.99 22.44
N ALA A 76 2.95 -15.50 21.21
CA ALA A 76 4.04 -14.61 20.84
C ALA A 76 3.95 -13.23 21.48
N CYS A 77 2.78 -12.80 21.90
CA CYS A 77 2.67 -11.50 22.58
C CYS A 77 2.86 -11.60 24.11
N HIS A 78 2.84 -12.84 24.59
CA HIS A 78 3.01 -13.15 26.00
C HIS A 78 1.89 -12.50 26.80
N LEU A 79 0.66 -12.67 26.29
CA LEU A 79 -0.54 -12.14 26.95
C LEU A 79 -1.69 -13.15 26.95
N SER A 80 -2.51 -13.00 27.99
CA SER A 80 -3.75 -13.81 28.00
C SER A 80 -4.61 -13.12 26.92
N CYS A 81 -5.41 -13.80 26.14
CA CYS A 81 -6.28 -13.14 25.12
C CYS A 81 -7.27 -12.20 25.83
N SER A 82 -7.59 -12.57 27.06
CA SER A 82 -8.50 -11.77 27.89
C SER A 82 -8.05 -10.32 28.03
N ALA A 83 -6.76 -10.06 28.02
CA ALA A 83 -6.16 -8.73 28.13
C ALA A 83 -6.48 -7.87 26.92
N LEU A 84 -6.94 -8.50 25.86
CA LEU A 84 -7.28 -7.76 24.60
C LEU A 84 -8.76 -7.40 24.56
N LEU A 85 -9.49 -7.68 25.65
CA LEU A 85 -10.93 -7.36 25.69
C LEU A 85 -11.21 -6.27 26.75
N GLN A 86 -10.19 -5.51 27.01
CA GLN A 86 -10.16 -4.41 27.98
C GLN A 86 -10.36 -3.03 27.41
N ASP A 87 -10.81 -2.12 28.30
CA ASP A 87 -11.03 -0.74 27.83
C ASP A 87 -9.67 -0.07 27.55
N ASN A 88 -8.72 -0.41 28.38
CA ASN A 88 -7.36 0.18 28.19
C ASN A 88 -6.73 -0.63 27.06
N ILE A 89 -6.33 0.06 26.00
CA ILE A 89 -5.74 -0.69 24.88
C ILE A 89 -4.24 -0.77 24.81
N ALA A 90 -3.56 -0.42 25.87
CA ALA A 90 -2.07 -0.47 25.88
C ALA A 90 -1.57 -1.86 25.55
N ASP A 91 -2.16 -2.92 26.09
CA ASP A 91 -1.72 -4.30 25.80
C ASP A 91 -1.99 -4.62 24.32
N ALA A 92 -3.14 -4.24 23.81
CA ALA A 92 -3.52 -4.54 22.42
C ALA A 92 -2.53 -3.84 21.48
N VAL A 93 -2.13 -2.61 21.82
CA VAL A 93 -1.19 -1.84 21.02
C VAL A 93 0.18 -2.53 21.03
N ALA A 94 0.63 -2.95 22.21
CA ALA A 94 1.95 -3.60 22.25
C ALA A 94 1.97 -4.87 21.40
N CYS A 95 0.84 -5.54 21.43
CA CYS A 95 0.74 -6.79 20.65
C CYS A 95 0.66 -6.51 19.17
N ALA A 96 -0.11 -5.50 18.81
CA ALA A 96 -0.20 -5.14 17.35
C ALA A 96 1.20 -4.79 16.84
N LYS A 97 2.00 -4.13 17.63
CA LYS A 97 3.37 -3.81 17.21
C LYS A 97 4.18 -5.09 17.01
N ARG A 98 3.97 -6.07 17.87
CA ARG A 98 4.70 -7.34 17.71
C ARG A 98 4.24 -8.01 16.42
N VAL A 99 2.94 -8.10 16.21
CA VAL A 99 2.35 -8.72 15.01
C VAL A 99 2.96 -8.10 13.75
N VAL A 100 2.97 -6.78 13.65
CA VAL A 100 3.45 -6.18 12.43
C VAL A 100 4.94 -6.45 12.11
N ARG A 101 5.63 -6.94 13.12
CA ARG A 101 7.07 -7.18 12.95
C ARG A 101 7.37 -8.56 12.40
N ASP A 102 6.34 -9.36 12.24
CA ASP A 102 6.53 -10.70 11.63
C ASP A 102 6.76 -10.37 10.13
N PRO A 103 7.21 -11.37 9.38
CA PRO A 103 7.52 -11.21 7.96
C PRO A 103 6.43 -10.55 7.12
N GLN A 104 5.22 -11.00 7.31
CA GLN A 104 3.97 -10.60 6.68
C GLN A 104 3.63 -9.14 6.85
N GLY A 105 4.09 -8.55 7.95
CA GLY A 105 3.82 -7.12 8.20
C GLY A 105 2.30 -6.89 8.35
N ILE A 106 1.86 -5.78 7.77
CA ILE A 106 0.41 -5.42 7.88
C ILE A 106 -0.54 -6.36 7.18
N ARG A 107 -0.06 -7.24 6.32
CA ARG A 107 -0.91 -8.25 5.65
C ARG A 107 -1.52 -9.25 6.60
N ALA A 108 -1.08 -9.32 7.86
CA ALA A 108 -1.60 -10.24 8.87
C ALA A 108 -3.10 -9.96 9.12
N TRP A 109 -3.46 -8.70 8.85
CA TRP A 109 -4.85 -8.25 9.03
C TRP A 109 -5.66 -8.31 7.73
N VAL A 110 -6.53 -9.30 7.66
CA VAL A 110 -7.37 -9.51 6.47
C VAL A 110 -8.26 -8.33 6.10
N ALA A 111 -8.91 -7.73 7.10
CA ALA A 111 -9.81 -6.60 6.80
C ALA A 111 -9.00 -5.48 6.21
N TRP A 112 -7.74 -5.32 6.71
CA TRP A 112 -6.88 -4.27 6.17
C TRP A 112 -6.67 -4.52 4.67
N ARG A 113 -6.27 -5.75 4.34
CA ARG A 113 -6.03 -6.12 2.95
C ARG A 113 -7.21 -5.88 2.01
N ASN A 114 -8.41 -6.18 2.48
CA ASN A 114 -9.63 -6.07 1.74
C ASN A 114 -10.19 -4.68 1.66
N ARG A 115 -10.13 -3.90 2.74
CA ARG A 115 -10.78 -2.57 2.70
C ARG A 115 -9.90 -1.37 2.76
N CYS A 116 -8.63 -1.53 3.09
CA CYS A 116 -7.74 -0.37 3.24
C CYS A 116 -6.59 -0.30 2.25
N GLN A 117 -6.14 -1.50 1.85
CA GLN A 117 -5.01 -1.52 0.89
C GLN A 117 -5.29 -0.82 -0.43
N ASN A 118 -4.26 -0.17 -0.95
CA ASN A 118 -4.32 0.55 -2.23
C ASN A 118 -5.42 1.62 -2.26
N ARG A 119 -5.71 2.17 -1.09
CA ARG A 119 -6.77 3.22 -1.05
C ARG A 119 -6.23 4.44 -0.32
N ASP A 120 -6.87 5.57 -0.55
CA ASP A 120 -6.44 6.81 0.19
C ASP A 120 -7.16 6.65 1.54
N VAL A 121 -6.42 6.63 2.63
CA VAL A 121 -7.09 6.43 3.93
C VAL A 121 -7.18 7.67 4.81
N ARG A 122 -6.86 8.83 4.22
CA ARG A 122 -6.92 10.09 5.00
C ARG A 122 -8.22 10.31 5.74
N GLN A 123 -9.34 9.76 5.33
CA GLN A 123 -10.63 9.91 5.98
C GLN A 123 -10.75 9.40 7.42
N TYR A 124 -9.99 8.38 7.80
CA TYR A 124 -10.07 7.81 9.14
C TYR A 124 -9.42 8.68 10.20
N VAL A 125 -8.71 9.71 9.78
CA VAL A 125 -8.08 10.67 10.68
C VAL A 125 -8.56 12.12 10.47
N GLN A 126 -9.46 12.35 9.54
CA GLN A 126 -9.91 13.75 9.29
C GLN A 126 -10.67 14.31 10.47
N GLY A 127 -10.34 15.56 10.77
CA GLY A 127 -10.94 16.33 11.86
C GLY A 127 -10.56 15.84 13.24
N CYS A 128 -9.49 15.07 13.37
CA CYS A 128 -9.06 14.56 14.68
C CYS A 128 -7.93 15.38 15.28
N GLY A 129 -7.32 16.20 14.45
CA GLY A 129 -6.23 17.09 14.86
C GLY A 129 -4.98 16.35 15.32
N VAL A 130 -4.80 15.16 14.77
CA VAL A 130 -3.63 14.33 15.08
C VAL A 130 -2.60 14.59 13.97
N LYS B 1 -7.55 -0.83 -15.55
CA LYS B 1 -7.83 -1.33 -16.90
C LYS B 1 -6.52 -1.64 -17.66
N VAL B 2 -6.69 -2.42 -18.70
CA VAL B 2 -5.57 -2.80 -19.58
C VAL B 2 -5.80 -2.03 -20.88
N PHE B 3 -4.87 -1.15 -21.17
CA PHE B 3 -4.98 -0.42 -22.44
C PHE B 3 -4.66 -1.29 -23.65
N GLU B 4 -5.25 -0.86 -24.75
CA GLU B 4 -4.93 -1.47 -26.07
C GLU B 4 -3.73 -0.63 -26.52
N ARG B 5 -2.88 -1.13 -27.39
CA ARG B 5 -1.68 -0.43 -27.87
C ARG B 5 -1.90 0.99 -28.37
N CYS B 6 -2.68 1.09 -29.46
CA CYS B 6 -2.86 2.46 -30.02
C CYS B 6 -3.58 3.38 -29.08
N GLU B 7 -4.52 2.87 -28.32
CA GLU B 7 -5.29 3.64 -27.32
C GLU B 7 -4.36 4.29 -26.35
N LEU B 8 -3.37 3.50 -25.88
CA LEU B 8 -2.36 4.07 -24.97
C LEU B 8 -1.44 5.05 -25.69
N ALA B 9 -0.98 4.74 -26.91
CA ALA B 9 -0.11 5.68 -27.65
C ALA B 9 -0.81 7.06 -27.82
N ARG B 10 -2.08 6.98 -28.16
CA ARG B 10 -2.85 8.23 -28.35
C ARG B 10 -2.99 8.96 -27.03
N THR B 11 -3.22 8.30 -25.93
CA THR B 11 -3.36 8.89 -24.61
C THR B 11 -2.05 9.58 -24.18
N LEU B 12 -0.93 8.86 -24.27
CA LEU B 12 0.36 9.47 -23.89
C LEU B 12 0.70 10.70 -24.74
N LYS B 13 0.27 10.62 -26.02
CA LYS B 13 0.52 11.73 -26.94
C LYS B 13 -0.24 13.00 -26.47
N ARG B 14 -1.50 12.73 -26.19
CA ARG B 14 -2.41 13.79 -25.69
C ARG B 14 -1.85 14.42 -24.44
N LEU B 15 -1.22 13.58 -23.60
CA LEU B 15 -0.66 14.05 -22.33
C LEU B 15 0.76 14.61 -22.36
N GLY B 16 1.30 14.88 -23.52
CA GLY B 16 2.59 15.51 -23.74
C GLY B 16 3.80 14.66 -23.45
N MET B 17 3.69 13.37 -23.63
CA MET B 17 4.84 12.49 -23.37
C MET B 17 5.79 12.42 -24.54
N ASP B 18 5.40 12.64 -25.77
CA ASP B 18 6.22 12.47 -26.95
C ASP B 18 7.36 13.46 -27.03
N GLY B 19 8.57 12.96 -26.78
CA GLY B 19 9.74 13.86 -26.82
C GLY B 19 9.95 14.54 -25.50
N TYR B 20 9.20 14.15 -24.47
CA TYR B 20 9.40 14.78 -23.13
C TYR B 20 10.81 14.45 -22.63
N ARG B 21 11.63 15.47 -22.44
CA ARG B 21 13.02 15.40 -22.02
C ARG B 21 13.78 14.47 -22.97
N GLY B 22 13.40 14.50 -24.24
CA GLY B 22 14.01 13.73 -25.32
C GLY B 22 13.60 12.27 -25.41
N ILE B 23 12.61 11.88 -24.62
CA ILE B 23 12.19 10.46 -24.69
C ILE B 23 11.00 10.34 -25.60
N SER B 24 11.18 9.63 -26.69
CA SER B 24 10.11 9.45 -27.68
C SER B 24 8.96 8.64 -27.11
N LEU B 25 7.79 8.90 -27.76
CA LEU B 25 6.55 8.15 -27.37
C LEU B 25 6.78 6.64 -27.48
N ALA B 26 7.47 6.17 -28.52
CA ALA B 26 7.75 4.72 -28.67
C ALA B 26 8.54 4.21 -27.48
N ASN B 27 9.46 4.99 -26.97
CA ASN B 27 10.29 4.60 -25.79
C ASN B 27 9.38 4.46 -24.56
N TRP B 28 8.47 5.42 -24.38
CA TRP B 28 7.55 5.32 -23.24
C TRP B 28 6.61 4.11 -23.36
N MET B 29 6.19 3.76 -24.59
CA MET B 29 5.30 2.66 -24.85
C MET B 29 6.03 1.36 -24.44
N CYS B 30 7.27 1.23 -24.93
CA CYS B 30 8.10 0.04 -24.61
C CYS B 30 8.23 -0.12 -23.10
N LEU B 31 8.51 0.98 -22.41
CA LEU B 31 8.66 0.99 -20.96
C LEU B 31 7.39 0.49 -20.27
N ALA B 32 6.25 1.05 -20.75
CA ALA B 32 4.96 0.66 -20.18
C ALA B 32 4.64 -0.82 -20.40
N LYS B 33 4.97 -1.28 -21.59
CA LYS B 33 4.67 -2.71 -21.89
C LYS B 33 5.43 -3.62 -20.96
N TRP B 34 6.74 -3.40 -20.83
CA TRP B 34 7.59 -4.25 -19.97
C TRP B 34 7.44 -4.05 -18.48
N GLU B 35 6.92 -2.92 -18.06
CA GLU B 35 6.70 -2.70 -16.62
C GLU B 35 5.39 -3.28 -16.10
N SER B 36 4.33 -3.05 -16.86
CA SER B 36 2.96 -3.44 -16.41
C SER B 36 2.09 -4.13 -17.41
N GLY B 37 2.49 -4.27 -18.63
CA GLY B 37 1.64 -4.90 -19.68
C GLY B 37 0.48 -3.97 -19.98
N TYR B 38 0.71 -2.69 -19.71
CA TYR B 38 -0.26 -1.60 -19.92
C TYR B 38 -1.42 -1.67 -18.94
N ASN B 39 -1.20 -2.35 -17.85
CA ASN B 39 -2.22 -2.53 -16.79
C ASN B 39 -2.13 -1.41 -15.78
N THR B 40 -3.16 -0.51 -15.72
CA THR B 40 -3.13 0.59 -14.76
C THR B 40 -3.16 0.20 -13.27
N ARG B 41 -3.69 -0.96 -12.99
CA ARG B 41 -3.77 -1.40 -11.59
C ARG B 41 -2.71 -2.39 -11.19
N ALA B 42 -1.64 -2.53 -11.94
CA ALA B 42 -0.56 -3.47 -11.65
C ALA B 42 0.21 -3.01 -10.41
N THR B 43 0.61 -3.96 -9.57
CA THR B 43 1.43 -3.62 -8.36
C THR B 43 2.55 -4.65 -8.22
N ASN B 44 3.67 -4.26 -7.69
CA ASN B 44 4.77 -5.22 -7.45
C ASN B 44 5.26 -4.96 -6.03
N TYR B 45 5.57 -5.99 -5.24
CA TYR B 45 6.12 -5.71 -3.90
C TYR B 45 7.61 -5.97 -3.86
N ASN B 46 8.35 -5.11 -3.18
CA ASN B 46 9.81 -5.29 -3.05
C ASN B 46 10.12 -5.58 -1.56
N ALA B 47 10.40 -6.85 -1.25
CA ALA B 47 10.75 -7.23 0.12
C ALA B 47 12.02 -6.59 0.65
N GLY B 48 12.97 -6.27 -0.24
CA GLY B 48 14.24 -5.63 0.09
C GLY B 48 14.02 -4.38 0.95
N ASP B 49 13.19 -3.45 0.51
CA ASP B 49 12.92 -2.23 1.29
C ASP B 49 11.43 -2.04 1.62
N ARG B 50 10.62 -3.05 1.46
CA ARG B 50 9.20 -3.07 1.75
C ARG B 50 8.38 -2.01 1.00
N SER B 51 8.96 -1.61 -0.12
CA SER B 51 8.34 -0.63 -1.02
C SER B 51 7.46 -1.40 -2.02
N THR B 52 6.58 -0.61 -2.67
CA THR B 52 5.67 -1.14 -3.67
C THR B 52 5.72 -0.27 -4.94
N ASP B 53 5.61 -0.98 -6.08
CA ASP B 53 5.61 -0.34 -7.42
C ASP B 53 4.15 -0.26 -7.87
N TYR B 54 3.78 0.96 -8.34
CA TYR B 54 2.35 1.09 -8.69
C TYR B 54 2.05 1.58 -10.08
N GLY B 55 1.02 0.98 -10.66
CA GLY B 55 0.46 1.40 -11.94
C GLY B 55 1.18 1.05 -13.22
N ILE B 56 0.73 1.77 -14.26
CA ILE B 56 1.24 1.54 -15.61
C ILE B 56 2.75 1.77 -15.72
N PHE B 57 3.30 2.68 -14.93
CA PHE B 57 4.76 2.92 -15.00
C PHE B 57 5.49 2.28 -13.81
N GLN B 58 4.81 1.56 -12.95
CA GLN B 58 5.47 0.90 -11.81
C GLN B 58 6.36 1.86 -11.06
N ILE B 59 5.70 2.89 -10.59
CA ILE B 59 6.36 3.98 -9.80
C ILE B 59 6.46 3.53 -8.35
N ASN B 60 7.71 3.65 -7.83
CA ASN B 60 8.07 3.15 -6.47
C ASN B 60 7.72 4.04 -5.29
N SER B 61 7.11 3.40 -4.28
CA SER B 61 6.67 4.14 -3.10
C SER B 61 7.76 4.63 -2.16
N ARG B 62 8.99 4.18 -2.27
CA ARG B 62 10.04 4.65 -1.36
C ARG B 62 10.35 6.11 -1.68
N TYR B 63 10.17 6.47 -2.96
CA TYR B 63 10.51 7.88 -3.30
C TYR B 63 9.49 8.76 -3.95
N TRP B 64 8.56 8.16 -4.67
CA TRP B 64 7.61 9.02 -5.46
C TRP B 64 6.16 9.20 -5.05
N CYS B 65 5.64 8.34 -4.20
CA CYS B 65 4.23 8.46 -3.77
C CYS B 65 4.04 7.96 -2.35
N ASN B 66 3.00 8.36 -1.68
CA ASN B 66 2.75 7.94 -0.30
C ASN B 66 1.76 6.78 -0.24
N ASP B 67 2.16 5.64 0.31
CA ASP B 67 1.25 4.49 0.48
C ASP B 67 1.02 4.28 2.01
N GLY B 68 1.72 5.04 2.81
CA GLY B 68 1.61 4.99 4.28
C GLY B 68 1.99 3.64 4.87
N LYS B 69 2.86 2.92 4.16
CA LYS B 69 3.30 1.61 4.63
C LYS B 69 4.73 1.25 4.25
N THR B 70 5.44 2.24 3.74
CA THR B 70 6.85 2.06 3.36
C THR B 70 7.72 2.81 4.34
N PRO B 71 8.57 2.06 5.04
CA PRO B 71 9.48 2.65 6.01
C PRO B 71 10.48 3.57 5.31
N GLY B 72 10.80 4.66 5.94
CA GLY B 72 11.71 5.71 5.51
C GLY B 72 11.51 6.16 4.08
N ALA B 73 10.27 6.37 3.70
CA ALA B 73 9.97 6.78 2.30
C ALA B 73 9.72 8.28 2.17
N VAL B 74 9.84 8.74 0.94
CA VAL B 74 9.56 10.15 0.58
C VAL B 74 8.41 10.14 -0.41
N ASN B 75 7.99 11.33 -0.86
CA ASN B 75 6.87 11.45 -1.81
C ASN B 75 7.18 12.59 -2.77
N ALA B 76 8.09 12.35 -3.71
CA ALA B 76 8.48 13.41 -4.64
C ALA B 76 7.35 13.83 -5.58
N CYS B 77 6.39 12.99 -5.86
CA CYS B 77 5.30 13.42 -6.77
C CYS B 77 4.13 14.09 -6.05
N HIS B 78 4.14 14.08 -4.73
CA HIS B 78 3.06 14.69 -3.95
C HIS B 78 1.70 14.11 -4.28
N LEU B 79 1.56 12.79 -4.32
CA LEU B 79 0.37 12.05 -4.63
C LEU B 79 0.23 10.81 -3.72
N SER B 80 -1.01 10.39 -3.58
CA SER B 80 -1.23 9.13 -2.81
C SER B 80 -0.83 8.03 -3.81
N CYS B 81 -0.18 6.92 -3.44
CA CYS B 81 0.11 5.92 -4.50
C CYS B 81 -1.20 5.42 -5.11
N SER B 82 -2.34 5.55 -4.42
CA SER B 82 -3.64 5.12 -4.96
C SER B 82 -3.99 5.88 -6.26
N ALA B 83 -3.54 7.09 -6.41
CA ALA B 83 -3.76 7.95 -7.57
C ALA B 83 -3.13 7.31 -8.82
N LEU B 84 -2.11 6.49 -8.56
CA LEU B 84 -1.38 5.78 -9.63
C LEU B 84 -2.01 4.45 -9.98
N LEU B 85 -3.16 4.11 -9.46
CA LEU B 85 -3.88 2.88 -9.73
C LEU B 85 -5.24 3.17 -10.41
N GLN B 86 -5.37 4.40 -10.89
CA GLN B 86 -6.64 4.81 -11.54
C GLN B 86 -6.65 4.45 -13.01
N ASP B 87 -7.85 4.31 -13.55
CA ASP B 87 -8.03 4.00 -15.01
C ASP B 87 -7.53 5.17 -15.85
N ASN B 88 -7.71 6.39 -15.33
CA ASN B 88 -7.25 7.58 -16.04
C ASN B 88 -5.76 7.74 -15.62
N ILE B 89 -4.89 7.93 -16.56
CA ILE B 89 -3.45 8.04 -16.21
C ILE B 89 -2.86 9.39 -16.12
N ALA B 90 -3.65 10.50 -16.04
CA ALA B 90 -3.04 11.81 -16.00
C ALA B 90 -2.07 11.99 -14.83
N ASP B 91 -2.44 11.52 -13.67
CA ASP B 91 -1.55 11.69 -12.49
C ASP B 91 -0.29 10.79 -12.65
N ALA B 92 -0.52 9.60 -13.19
CA ALA B 92 0.65 8.68 -13.41
C ALA B 92 1.63 9.35 -14.37
N VAL B 93 1.05 10.02 -15.38
CA VAL B 93 1.88 10.71 -16.39
C VAL B 93 2.68 11.85 -15.73
N ALA B 94 2.01 12.67 -14.96
CA ALA B 94 2.73 13.80 -14.33
C ALA B 94 3.79 13.24 -13.39
N CYS B 95 3.56 12.08 -12.78
CA CYS B 95 4.60 11.57 -11.83
C CYS B 95 5.78 10.99 -12.61
N ALA B 96 5.47 10.34 -13.74
CA ALA B 96 6.56 9.79 -14.57
C ALA B 96 7.49 10.89 -15.04
N LYS B 97 6.85 12.02 -15.35
CA LYS B 97 7.60 13.22 -15.82
C LYS B 97 8.50 13.69 -14.69
N ARG B 98 8.01 13.65 -13.49
CA ARG B 98 8.80 14.05 -12.30
C ARG B 98 9.99 13.09 -12.09
N VAL B 99 9.65 11.78 -12.20
CA VAL B 99 10.74 10.80 -12.08
C VAL B 99 11.89 11.08 -13.05
N VAL B 100 11.59 11.23 -14.35
CA VAL B 100 12.67 11.43 -15.31
C VAL B 100 13.44 12.73 -15.07
N ARG B 101 12.98 13.63 -14.23
CA ARG B 101 13.69 14.89 -14.00
C ARG B 101 14.83 14.69 -13.00
N ASP B 102 14.79 13.60 -12.26
CA ASP B 102 15.90 13.33 -11.29
C ASP B 102 17.15 13.09 -12.12
N PRO B 103 18.29 13.21 -11.46
CA PRO B 103 19.60 13.03 -12.09
C PRO B 103 19.71 11.76 -12.91
N GLN B 104 19.29 10.62 -12.40
CA GLN B 104 19.45 9.40 -13.18
C GLN B 104 18.53 9.26 -14.37
N GLY B 105 17.55 10.15 -14.51
CA GLY B 105 16.64 10.12 -15.66
C GLY B 105 15.98 8.76 -15.86
N ILE B 106 15.97 8.32 -17.10
CA ILE B 106 15.33 7.04 -17.46
C ILE B 106 15.97 5.81 -16.83
N ARG B 107 17.09 5.99 -16.18
CA ARG B 107 17.80 4.90 -15.49
C ARG B 107 16.94 4.42 -14.35
N ALA B 108 15.97 5.23 -13.96
CA ALA B 108 15.10 4.82 -12.83
C ALA B 108 14.30 3.59 -13.20
N TRP B 109 14.22 3.24 -14.48
CA TRP B 109 13.49 2.06 -14.95
C TRP B 109 14.45 1.10 -15.68
N VAL B 110 15.00 0.16 -14.92
CA VAL B 110 15.98 -0.76 -15.56
C VAL B 110 15.33 -1.54 -16.69
N ALA B 111 14.05 -1.82 -16.62
CA ALA B 111 13.40 -2.51 -17.72
C ALA B 111 13.64 -1.78 -19.02
N TRP B 112 13.83 -0.47 -19.00
CA TRP B 112 14.05 0.26 -20.25
C TRP B 112 15.42 -0.19 -20.83
N ARG B 113 16.40 -0.17 -19.93
CA ARG B 113 17.73 -0.60 -20.35
C ARG B 113 17.66 -2.04 -20.91
N ASN B 114 17.01 -2.91 -20.23
CA ASN B 114 16.97 -4.34 -20.57
C ASN B 114 16.17 -4.73 -21.80
N ARG B 115 15.04 -4.07 -21.99
CA ARG B 115 14.13 -4.41 -23.07
C ARG B 115 13.93 -3.41 -24.17
N CYS B 116 14.30 -2.16 -23.99
CA CYS B 116 14.06 -1.12 -25.02
C CYS B 116 15.26 -0.40 -25.58
N GLN B 117 16.25 -0.10 -24.77
CA GLN B 117 17.44 0.62 -25.21
C GLN B 117 18.14 -0.12 -26.34
N ASN B 118 18.50 0.64 -27.35
CA ASN B 118 19.20 0.16 -28.57
C ASN B 118 18.43 -0.85 -29.38
N ARG B 119 17.11 -0.81 -29.35
CA ARG B 119 16.33 -1.78 -30.14
C ARG B 119 15.30 -0.93 -30.93
N ASP B 120 14.82 -1.53 -31.98
CA ASP B 120 13.80 -0.80 -32.80
C ASP B 120 12.52 -0.79 -31.98
N VAL B 121 12.04 0.36 -31.58
CA VAL B 121 10.80 0.48 -30.78
C VAL B 121 9.64 1.01 -31.63
N ARG B 122 9.90 1.24 -32.89
CA ARG B 122 8.83 1.75 -33.78
C ARG B 122 7.59 0.85 -33.79
N GLN B 123 7.73 -0.46 -33.61
CA GLN B 123 6.57 -1.34 -33.61
C GLN B 123 5.52 -0.94 -32.57
N TYR B 124 5.99 -0.22 -31.56
CA TYR B 124 5.01 0.16 -30.51
C TYR B 124 4.01 1.19 -30.95
N VAL B 125 4.40 2.03 -31.90
CA VAL B 125 3.51 3.10 -32.34
C VAL B 125 3.05 2.95 -33.78
N GLN B 126 3.67 2.01 -34.47
CA GLN B 126 3.30 1.85 -35.90
C GLN B 126 1.78 1.65 -36.03
N GLY B 127 1.21 2.40 -37.00
CA GLY B 127 -0.21 2.33 -37.33
C GLY B 127 -1.18 2.97 -36.38
N CYS B 128 -0.71 3.71 -35.41
CA CYS B 128 -1.54 4.38 -34.42
C CYS B 128 -1.88 5.83 -34.78
N GLY B 129 -1.28 6.30 -35.84
CA GLY B 129 -1.49 7.71 -36.28
C GLY B 129 -0.98 8.72 -35.27
N VAL B 130 0.14 8.49 -34.61
CA VAL B 130 0.73 9.42 -33.63
C VAL B 130 2.10 9.98 -34.02
C1 NAG C . -10.00 -13.43 10.59
C2 NAG C . -9.27 -14.63 10.09
C3 NAG C . -8.01 -14.90 10.94
C4 NAG C . -7.12 -13.68 10.98
C5 NAG C . -7.95 -12.53 11.60
C6 NAG C . -7.15 -11.22 11.58
C7 NAG C . -10.09 -16.55 8.87
C8 NAG C . -10.90 -17.81 8.86
N2 NAG C . -10.07 -15.85 9.99
O1 NAG C . -10.83 -13.03 9.52
O3 NAG C . -7.22 -15.96 10.32
O4 NAG C . -5.91 -13.80 11.74
O5 NAG C . -9.12 -12.34 10.81
O6 NAG C . -6.75 -11.01 10.21
O7 NAG C . -9.49 -16.20 7.86
C1 NAG C . -4.71 -14.00 11.05
C2 NAG C . -3.56 -13.47 11.88
C3 NAG C . -2.28 -13.81 11.13
C4 NAG C . -2.16 -15.29 10.83
C5 NAG C . -3.46 -15.75 10.11
C6 NAG C . -3.51 -17.22 9.76
C7 NAG C . -3.63 -11.51 13.35
C8 NAG C . -3.74 -9.99 13.42
N2 NAG C . -3.58 -12.03 12.12
O3 NAG C . -1.17 -13.39 11.92
O4 NAG C . -1.10 -15.41 9.82
O5 NAG C . -4.58 -15.45 10.97
O6 NAG C . -3.23 -18.06 10.88
O7 NAG C . -3.68 -12.13 14.40
C1 NAG C . -0.10 -16.28 10.22
C2 NAG C . 0.60 -16.85 9.01
C3 NAG C . 1.78 -17.72 9.50
C4 NAG C . 2.66 -16.89 10.40
C5 NAG C . 1.81 -16.36 11.59
C6 NAG C . 2.56 -15.48 12.56
C7 NAG C . -0.83 -17.18 7.08
C8 NAG C . -1.77 -18.12 6.35
N2 NAG C . -0.32 -17.64 8.20
O3 NAG C . 2.50 -18.20 8.34
O4 NAG C . 3.76 -17.65 10.97
O5 NAG C . 0.83 -15.50 10.98
O6 NAG C . 3.14 -14.35 11.96
O7 NAG C . -0.59 -16.06 6.65
C1 NAG C . 5.01 -17.02 10.84
C2 NAG C . 5.94 -17.56 11.91
C3 NAG C . 7.39 -17.29 11.55
C4 NAG C . 7.77 -17.48 10.10
C5 NAG C . 6.73 -16.79 9.20
C6 NAG C . 6.95 -17.03 7.71
C7 NAG C . 5.29 -17.59 14.27
C8 NAG C . 4.95 -16.77 15.50
N2 NAG C . 5.60 -16.93 13.18
O3 NAG C . 8.25 -18.25 12.25
O4 NAG C . 9.05 -16.93 9.79
O5 NAG C . 5.45 -17.33 9.53
O6 NAG C . 6.24 -18.24 7.33
O7 NAG C . 5.29 -18.80 14.34
C1 NAG D . -18.40 -3.65 11.76
C2 NAG D . -17.42 -3.60 10.60
C3 NAG D . -16.93 -4.99 10.33
C4 NAG D . -16.52 -5.80 11.54
C5 NAG D . -17.54 -5.66 12.70
C6 NAG D . -17.04 -6.30 13.97
C7 NAG D . -17.91 -1.93 8.85
C8 NAG D . -18.93 -1.52 7.81
N2 NAG D . -18.08 -3.12 9.39
O1 NAG D . -18.76 -2.37 12.15
O3 NAG D . -15.83 -4.96 9.42
O4 NAG D . -16.56 -7.21 11.07
O5 NAG D . -17.82 -4.27 12.90
O6 NAG D . -17.13 -5.56 15.18
O7 NAG D . -17.11 -1.13 9.28
C1 NAG D . -15.29 -7.70 10.71
C2 NAG D . -15.12 -9.11 11.21
C3 NAG D . -13.91 -9.76 10.55
C4 NAG D . -13.72 -9.47 9.08
C5 NAG D . -13.98 -7.98 8.77
C6 NAG D . -14.00 -7.63 7.31
C7 NAG D . -15.75 -9.74 13.50
C8 NAG D . -15.40 -9.53 14.98
N2 NAG D . -14.95 -9.10 12.66
O3 NAG D . -14.02 -11.20 10.70
O4 NAG D . -12.41 -9.77 8.60
O5 NAG D . -15.26 -7.64 9.30
O6 NAG D . -14.49 -6.29 7.12
O7 NAG D . -16.69 -10.37 13.09
C1 NAG E . 11.19 -2.73 -9.24
C2 NAG E . 12.53 -2.46 -8.51
C3 NAG E . 12.41 -1.04 -7.95
C4 NAG E . 12.25 -0.05 -9.10
C5 NAG E . 10.93 -0.42 -9.82
C6 NAG E . 10.61 0.51 -10.99
C7 NAG E . 13.94 -4.00 -7.23
C8 NAG E . 13.99 -4.98 -6.08
N2 NAG E . 12.75 -3.44 -7.45
O1 NAG E . 11.27 -3.94 -9.92
O3 NAG E . 13.57 -0.71 -7.18
O4 NAG E . 12.07 1.28 -8.61
O5 NAG E . 11.06 -1.76 -10.27
O6 NAG E . 9.52 -0.06 -11.72
O7 NAG E . 14.94 -3.73 -7.89
C1 NAG E . 13.20 2.10 -8.62
C2 NAG E . 12.81 3.57 -8.79
C3 NAG E . 14.05 4.46 -8.70
C4 NAG E . 14.88 4.12 -7.47
C5 NAG E . 15.11 2.61 -7.32
C6 NAG E . 15.84 2.15 -6.07
C7 NAG E . 10.84 4.12 -10.09
C8 NAG E . 10.18 4.23 -11.46
N2 NAG E . 12.11 3.74 -10.07
O3 NAG E . 13.61 5.86 -8.56
O4 NAG E . 16.17 4.75 -7.61
O5 NAG E . 13.86 1.92 -7.37
O6 NAG E . 15.16 2.56 -4.87
O7 NAG E . 10.12 4.34 -9.13
C1 NAG E . 16.47 5.68 -6.62
C2 NAG E . 17.99 5.84 -6.59
C3 NAG E . 18.33 6.96 -5.64
C4 NAG E . 17.60 8.25 -5.97
C5 NAG E . 16.10 7.97 -5.98
C6 NAG E . 15.22 9.14 -6.36
C7 NAG E . 19.24 3.77 -6.98
C8 NAG E . 19.80 2.51 -6.36
N2 NAG E . 18.64 4.60 -6.17
O3 NAG E . 19.75 7.25 -5.71
O4 NAG E . 17.93 9.23 -4.93
O5 NAG E . 15.87 6.93 -6.95
O6 NAG E . 15.55 9.56 -7.68
O7 NAG E . 19.40 3.95 -8.19
C1 NAG E . 18.41 10.45 -5.44
C2 NAG E . 18.47 11.46 -4.30
C3 NAG E . 19.21 12.71 -4.69
C4 NAG E . 20.26 12.65 -5.75
C5 NAG E . 20.12 11.44 -6.67
C6 NAG E . 21.37 11.07 -7.43
C7 NAG E . 16.77 11.13 -2.59
C8 NAG E . 15.34 11.34 -2.17
N2 NAG E . 17.13 11.61 -3.77
O3 NAG E . 19.96 13.06 -3.48
O4 NAG E . 20.35 13.81 -6.62
O5 NAG E . 19.75 10.30 -5.87
O6 NAG E . 21.10 10.28 -8.58
O7 NAG E . 17.54 10.54 -1.83
NA NA F . -2.46 -19.04 21.55
NA NA G . 6.57 7.29 -0.24
#